data_5K0M
#
_entry.id   5K0M
#
_cell.length_a   57.843
_cell.length_b   84.911
_cell.length_c   91.627
_cell.angle_alpha   90.00
_cell.angle_beta   90.00
_cell.angle_gamma   90.00
#
_symmetry.space_group_name_H-M   'P 21 21 21'
#
loop_
_entity.id
_entity.type
_entity.pdbx_description
1 polymer 'Polycomb protein EED'
2 non-polymer (3R,4S)-1-[(1S)-7-fluoro-2,3-dihydro-1H-inden-1-yl]-N,N-dimethyl-4-{4-[4-(methylsulfonyl)piperazin-1-yl]phenyl}pyrrolidin-3-amine
3 water water
#
_entity_poly.entity_id   1
_entity_poly.type   'polypeptide(L)'
_entity_poly.pdbx_seq_one_letter_code
;VPRGSHMKCKYSFKCVNSLKEDHNQPLFGVQFNWHSKEGDPLVFATVGSNRVTLYECHSQGEIRLLQSYVDADADENFYT
CAWTYDSNTSHPLLAVAGSRGIIRIINPITMQCIKHYVGHGNAINELKFHPRDPNLLLSVSKDHALRLWNIQTDTLVAIF
GGVEGHRDEVLSADYDLLGEKIMSCGMDHSLKLWRINSKRMMNAIKESYDYNPNKTNRPFISQKIHFPDFSTRDIHRNYV
DCVRWLGDLILSKSCENAIVCWKPGKMEDDIDKIKPSESNVTILGRFDYSQCDIWYMRFSMDFWQKMLALGNQVGKLYVW
DLEVEDPHKAKCTTLTHHKCGAAIRQTSFSRDSSILIAVCDDASIWRWDRLR
;
_entity_poly.pdbx_strand_id   A
#
loop_
_chem_comp.id
_chem_comp.type
_chem_comp.name
_chem_comp.formula
6PU non-polymer (3R,4S)-1-[(1S)-7-fluoro-2,3-dihydro-1H-inden-1-yl]-N,N-dimethyl-4-{4-[4-(methylsulfonyl)piperazin-1-yl]phenyl}pyrrolidin-3-amine 'C26 H35 F N4 O2 S'
#
# COMPACT_ATOMS: atom_id res chain seq x y z
N PHE A 13 -3.53 21.08 -10.74
CA PHE A 13 -4.81 20.50 -10.23
C PHE A 13 -5.69 21.57 -9.61
N LYS A 14 -7.00 21.39 -9.69
CA LYS A 14 -7.94 22.25 -8.97
C LYS A 14 -8.92 21.42 -8.16
N CYS A 15 -9.27 21.94 -6.98
CA CYS A 15 -10.22 21.28 -6.10
C CYS A 15 -11.62 21.52 -6.62
N VAL A 16 -12.30 20.44 -6.94
CA VAL A 16 -13.64 20.48 -7.53
C VAL A 16 -14.75 20.04 -6.58
N ASN A 17 -14.42 19.30 -5.52
CA ASN A 17 -15.43 18.86 -4.58
C ASN A 17 -14.82 18.30 -3.32
N SER A 18 -15.66 18.16 -2.30
CA SER A 18 -15.31 17.49 -1.07
C SER A 18 -16.56 16.96 -0.38
N LEU A 19 -16.35 16.04 0.54
CA LEU A 19 -17.46 15.54 1.37
C LEU A 19 -16.90 14.96 2.64
N LYS A 20 -17.77 14.61 3.57
CA LYS A 20 -17.38 14.05 4.85
C LYS A 20 -18.20 12.79 5.10
N GLU A 21 -17.56 11.71 5.55
CA GLU A 21 -18.31 10.49 5.89
C GLU A 21 -18.91 10.63 7.28
N ASP A 22 -20.04 9.97 7.48
CA ASP A 22 -20.89 10.22 8.67
C ASP A 22 -20.30 9.73 10.00
N HIS A 23 -19.34 8.84 9.94
CA HIS A 23 -18.70 8.28 11.15
C HIS A 23 -17.76 9.24 11.89
N ASN A 24 -17.25 10.26 11.20
CA ASN A 24 -16.34 11.28 11.79
C ASN A 24 -15.01 10.77 12.34
N GLN A 25 -14.57 9.61 11.89
CA GLN A 25 -13.34 8.98 12.34
C GLN A 25 -12.31 9.14 11.23
N PRO A 26 -11.03 8.96 11.55
CA PRO A 26 -10.01 9.05 10.50
C PRO A 26 -10.24 8.11 9.32
N LEU A 27 -10.03 8.63 8.12
CA LEU A 27 -9.93 7.79 6.93
C LEU A 27 -8.46 7.46 6.75
N PHE A 28 -8.14 6.18 6.86
CA PHE A 28 -6.76 5.73 6.81
C PHE A 28 -6.27 5.34 5.43
N GLY A 29 -7.22 5.06 4.53
CA GLY A 29 -6.85 4.56 3.22
C GLY A 29 -7.80 5.02 2.15
N VAL A 30 -7.25 5.19 0.95
CA VAL A 30 -8.03 5.43 -0.25
C VAL A 30 -7.32 4.80 -1.44
N GLN A 31 -8.09 4.13 -2.30
CA GLN A 31 -7.53 3.54 -3.49
C GLN A 31 -8.48 3.61 -4.66
N PHE A 32 -8.04 4.22 -5.75
CA PHE A 32 -8.76 4.05 -7.01
C PHE A 32 -8.64 2.60 -7.46
N ASN A 33 -9.69 2.12 -8.13
CA ASN A 33 -9.65 0.83 -8.82
C ASN A 33 -9.00 1.04 -10.19
N TRP A 34 -7.72 0.72 -10.29
CA TRP A 34 -7.02 0.83 -11.56
C TRP A 34 -7.39 -0.30 -12.55
N HIS A 35 -8.19 -1.26 -12.12
CA HIS A 35 -8.73 -2.28 -13.04
C HIS A 35 -10.16 -1.95 -13.51
N SER A 36 -10.67 -0.74 -13.29
CA SER A 36 -12.05 -0.40 -13.69
C SER A 36 -12.16 -0.50 -15.22
N LYS A 37 -13.33 -0.92 -15.71
CA LYS A 37 -13.48 -1.35 -17.12
C LYS A 37 -13.65 -0.17 -18.08
N GLU A 38 -13.31 -0.38 -19.34
CA GLU A 38 -13.49 0.67 -20.37
C GLU A 38 -14.96 1.14 -20.45
N GLY A 39 -15.15 2.47 -20.48
CA GLY A 39 -16.50 3.05 -20.50
C GLY A 39 -17.26 3.06 -19.17
N ASP A 40 -16.62 2.65 -18.08
CA ASP A 40 -17.22 2.79 -16.75
C ASP A 40 -16.61 4.00 -16.07
N PRO A 41 -17.35 4.65 -15.15
CA PRO A 41 -16.77 5.75 -14.42
C PRO A 41 -15.61 5.27 -13.55
N LEU A 42 -14.76 6.21 -13.16
CA LEU A 42 -13.67 5.91 -12.26
C LEU A 42 -14.26 5.70 -10.85
N VAL A 43 -13.76 4.70 -10.14
CA VAL A 43 -14.27 4.32 -8.81
C VAL A 43 -13.11 4.30 -7.83
N PHE A 44 -13.31 4.83 -6.63
CA PHE A 44 -12.35 4.63 -5.54
C PHE A 44 -13.02 4.12 -4.28
N ALA A 45 -12.23 3.43 -3.45
CA ALA A 45 -12.64 2.98 -2.13
C ALA A 45 -11.95 3.80 -1.05
N THR A 46 -12.66 4.04 0.06
CA THR A 46 -12.08 4.64 1.27
C THR A 46 -12.28 3.67 2.44
N VAL A 47 -11.34 3.65 3.39
CA VAL A 47 -11.47 2.86 4.63
C VAL A 47 -11.27 3.76 5.83
N GLY A 48 -12.21 3.66 6.76
CA GLY A 48 -12.08 4.29 8.06
C GLY A 48 -13.19 3.78 8.96
N SER A 49 -13.08 4.03 10.26
CA SER A 49 -13.97 3.42 11.25
C SER A 49 -13.97 1.90 10.99
N ASN A 50 -15.12 1.26 11.03
CA ASN A 50 -15.25 -0.17 10.69
C ASN A 50 -15.90 -0.36 9.32
N ARG A 51 -15.61 0.55 8.39
CA ARG A 51 -16.23 0.43 7.08
C ARG A 51 -15.31 0.71 5.89
N VAL A 52 -15.82 0.24 4.76
CA VAL A 52 -15.22 0.55 3.48
CA VAL A 52 -15.24 0.45 3.45
C VAL A 52 -16.36 1.05 2.60
N THR A 53 -16.10 2.13 1.88
CA THR A 53 -17.12 2.79 1.06
C THR A 53 -16.59 3.01 -0.36
N LEU A 54 -17.45 2.79 -1.37
CA LEU A 54 -17.10 3.05 -2.76
C LEU A 54 -17.82 4.30 -3.27
N TYR A 55 -17.10 5.05 -4.09
CA TYR A 55 -17.61 6.25 -4.75
C TYR A 55 -17.23 6.22 -6.23
N GLU A 56 -18.08 6.79 -7.08
CA GLU A 56 -17.78 7.04 -8.51
C GLU A 56 -17.52 8.51 -8.77
N CYS A 57 -16.54 8.78 -9.62
CA CYS A 57 -16.24 10.14 -10.04
C CYS A 57 -17.02 10.47 -11.31
N HIS A 58 -17.76 11.57 -11.27
CA HIS A 58 -18.53 12.06 -12.42
C HIS A 58 -18.19 13.49 -12.78
N SER A 59 -18.78 13.97 -13.86
CA SER A 59 -18.52 15.32 -14.35
C SER A 59 -19.01 16.38 -13.35
N GLN A 60 -18.56 17.61 -13.56
CA GLN A 60 -18.82 18.73 -12.66
C GLN A 60 -18.40 18.44 -11.21
N GLY A 61 -17.34 17.64 -11.05
CA GLY A 61 -16.79 17.32 -9.74
C GLY A 61 -17.62 16.40 -8.87
N GLU A 62 -18.68 15.80 -9.42
CA GLU A 62 -19.56 14.96 -8.61
C GLU A 62 -18.84 13.69 -8.11
N ILE A 63 -19.03 13.42 -6.82
CA ILE A 63 -18.55 12.21 -6.18
C ILE A 63 -19.80 11.46 -5.76
N ARG A 64 -20.13 10.42 -6.49
CA ARG A 64 -21.37 9.69 -6.27
C ARG A 64 -21.16 8.52 -5.31
N LEU A 65 -21.89 8.54 -4.19
CA LEU A 65 -21.82 7.51 -3.16
C LEU A 65 -22.52 6.26 -3.67
N LEU A 66 -21.88 5.12 -3.53
CA LEU A 66 -22.48 3.86 -3.95
C LEU A 66 -22.97 3.10 -2.73
N GLN A 67 -22.07 2.37 -2.08
CA GLN A 67 -22.46 1.43 -1.04
C GLN A 67 -21.24 1.11 -0.18
N SER A 68 -21.51 0.79 1.08
CA SER A 68 -20.48 0.46 2.06
C SER A 68 -20.59 -0.97 2.51
N TYR A 69 -19.46 -1.52 2.94
CA TYR A 69 -19.43 -2.69 3.78
C TYR A 69 -19.09 -2.20 5.20
N VAL A 70 -19.90 -2.60 6.18
CA VAL A 70 -19.70 -2.26 7.57
C VAL A 70 -19.43 -3.55 8.34
N ASP A 71 -18.32 -3.64 9.03
CA ASP A 71 -18.00 -4.86 9.77
C ASP A 71 -19.01 -5.07 10.90
N ALA A 72 -19.32 -6.33 11.18
CA ALA A 72 -20.25 -6.66 12.29
C ALA A 72 -19.66 -6.30 13.67
N ASP A 73 -18.33 -6.31 13.77
CA ASP A 73 -17.63 -5.88 14.97
C ASP A 73 -17.49 -4.37 14.97
N ALA A 74 -18.20 -3.70 15.87
CA ALA A 74 -18.10 -2.24 16.01
C ALA A 74 -16.71 -1.74 16.43
N ASP A 75 -15.90 -2.60 17.05
CA ASP A 75 -14.52 -2.26 17.44
C ASP A 75 -13.45 -2.55 16.37
N GLU A 76 -13.83 -3.08 15.21
CA GLU A 76 -12.91 -3.17 14.07
C GLU A 76 -12.56 -1.76 13.59
N ASN A 77 -11.30 -1.57 13.21
CA ASN A 77 -10.85 -0.33 12.62
C ASN A 77 -10.09 -0.75 11.38
N PHE A 78 -10.64 -0.52 10.20
CA PHE A 78 -9.92 -0.83 8.94
C PHE A 78 -8.83 0.20 8.67
N TYR A 79 -7.65 -0.28 8.33
CA TYR A 79 -6.48 0.55 8.13
C TYR A 79 -6.01 0.60 6.69
N THR A 80 -6.47 -0.33 5.86
CA THR A 80 -5.90 -0.52 4.54
C THR A 80 -6.87 -1.24 3.63
N CYS A 81 -6.77 -0.94 2.33
CA CYS A 81 -7.50 -1.70 1.33
C CYS A 81 -6.65 -1.80 0.05
N ALA A 82 -7.00 -2.78 -0.79
CA ALA A 82 -6.30 -3.04 -2.04
C ALA A 82 -7.25 -3.75 -3.01
N TRP A 83 -7.17 -3.34 -4.27
CA TRP A 83 -7.97 -3.90 -5.34
C TRP A 83 -7.25 -5.01 -6.05
N THR A 84 -8.03 -6.01 -6.47
CA THR A 84 -7.58 -7.03 -7.40
C THR A 84 -8.75 -7.41 -8.29
N TYR A 85 -8.63 -8.51 -9.00
CA TYR A 85 -9.76 -9.07 -9.71
C TYR A 85 -9.74 -10.57 -9.59
N ASP A 86 -10.89 -11.16 -9.81
CA ASP A 86 -11.03 -12.60 -9.83
C ASP A 86 -10.36 -13.14 -11.10
N SER A 87 -9.42 -14.06 -10.93
CA SER A 87 -8.56 -14.50 -12.03
C SER A 87 -9.30 -15.36 -13.06
N ASN A 88 -10.45 -15.89 -12.67
CA ASN A 88 -11.30 -16.64 -13.58
C ASN A 88 -12.39 -15.82 -14.25
N THR A 89 -13.03 -14.92 -13.51
CA THR A 89 -14.16 -14.14 -14.05
C THR A 89 -13.82 -12.72 -14.51
N SER A 90 -12.69 -12.17 -14.06
CA SER A 90 -12.32 -10.77 -14.28
C SER A 90 -13.08 -9.75 -13.44
N HIS A 91 -13.99 -10.17 -12.59
CA HIS A 91 -14.72 -9.21 -11.79
C HIS A 91 -13.81 -8.66 -10.69
N PRO A 92 -13.96 -7.36 -10.38
CA PRO A 92 -13.13 -6.73 -9.37
C PRO A 92 -13.36 -7.31 -8.00
N LEU A 93 -12.32 -7.26 -7.18
CA LEU A 93 -12.37 -7.67 -5.79
C LEU A 93 -11.65 -6.62 -4.98
N LEU A 94 -12.06 -6.51 -3.73
CA LEU A 94 -11.47 -5.56 -2.80
C LEU A 94 -11.07 -6.30 -1.52
N ALA A 95 -9.82 -6.11 -1.08
CA ALA A 95 -9.35 -6.69 0.18
C ALA A 95 -9.20 -5.57 1.18
N VAL A 96 -9.66 -5.80 2.41
CA VAL A 96 -9.58 -4.82 3.48
C VAL A 96 -9.08 -5.51 4.75
N ALA A 97 -8.42 -4.75 5.61
CA ALA A 97 -7.93 -5.28 6.89
C ALA A 97 -7.59 -4.13 7.83
N GLY A 98 -7.43 -4.46 9.10
CA GLY A 98 -7.05 -3.48 10.10
C GLY A 98 -6.80 -4.10 11.46
N SER A 99 -7.37 -3.47 12.49
CA SER A 99 -6.98 -3.74 13.87
C SER A 99 -7.27 -5.15 14.34
N ARG A 100 -8.33 -5.79 13.83
CA ARG A 100 -8.65 -7.16 14.24
C ARG A 100 -7.74 -8.21 13.63
N GLY A 101 -6.94 -7.86 12.64
CA GLY A 101 -6.02 -8.82 12.03
C GLY A 101 -6.72 -9.81 11.12
N ILE A 102 -7.87 -9.44 10.61
CA ILE A 102 -8.63 -10.25 9.68
C ILE A 102 -8.64 -9.58 8.30
N ILE A 103 -8.20 -10.32 7.29
CA ILE A 103 -8.31 -9.87 5.90
C ILE A 103 -9.68 -10.29 5.40
N ARG A 104 -10.46 -9.33 4.93
CA ARG A 104 -11.72 -9.60 4.24
C ARG A 104 -11.61 -9.34 2.74
N ILE A 105 -12.09 -10.30 1.97
CA ILE A 105 -12.26 -10.16 0.52
C ILE A 105 -13.72 -9.83 0.28
N ILE A 106 -13.95 -8.67 -0.31
CA ILE A 106 -15.27 -8.10 -0.49
C ILE A 106 -15.55 -8.05 -1.99
N ASN A 107 -16.78 -8.40 -2.36
CA ASN A 107 -17.30 -8.20 -3.70
C ASN A 107 -17.72 -6.74 -3.78
N PRO A 108 -17.01 -5.92 -4.57
CA PRO A 108 -17.35 -4.49 -4.56
C PRO A 108 -18.66 -4.12 -5.23
N ILE A 109 -19.21 -5.01 -6.07
CA ILE A 109 -20.53 -4.79 -6.69
C ILE A 109 -21.62 -4.77 -5.60
N THR A 110 -21.67 -5.83 -4.81
CA THR A 110 -22.71 -6.01 -3.79
C THR A 110 -22.27 -5.63 -2.39
N MET A 111 -20.97 -5.40 -2.21
CA MET A 111 -20.32 -5.26 -0.92
C MET A 111 -20.49 -6.46 0.02
N GLN A 112 -20.76 -7.65 -0.52
CA GLN A 112 -20.76 -8.86 0.30
C GLN A 112 -19.35 -9.28 0.60
N CYS A 113 -19.12 -9.78 1.80
CA CYS A 113 -17.84 -10.40 2.14
C CYS A 113 -17.86 -11.79 1.50
N ILE A 114 -16.85 -12.17 0.76
CA ILE A 114 -16.80 -13.46 0.10
C ILE A 114 -16.07 -14.45 0.98
N LYS A 115 -14.97 -14.01 1.57
CA LYS A 115 -14.19 -14.86 2.46
C LYS A 115 -13.24 -14.02 3.27
N HIS A 116 -12.60 -14.67 4.24
CA HIS A 116 -11.68 -13.96 5.12
C HIS A 116 -10.50 -14.85 5.51
N TYR A 117 -9.39 -14.21 5.91
CA TYR A 117 -8.17 -14.91 6.32
C TYR A 117 -7.73 -14.39 7.65
N VAL A 118 -7.35 -15.27 8.56
CA VAL A 118 -6.73 -14.89 9.83
C VAL A 118 -5.33 -15.49 9.84
N GLY A 119 -4.34 -14.68 10.22
CA GLY A 119 -2.96 -15.13 10.41
C GLY A 119 -2.84 -15.54 11.85
N HIS A 120 -2.19 -14.72 12.65
CA HIS A 120 -2.23 -14.87 14.13
C HIS A 120 -3.23 -13.91 14.80
N GLY A 121 -3.85 -13.02 14.02
CA GLY A 121 -4.96 -12.18 14.50
C GLY A 121 -4.53 -10.86 15.16
N ASN A 122 -3.37 -10.36 14.73
CA ASN A 122 -2.77 -9.09 15.19
C ASN A 122 -2.94 -8.06 14.09
N ALA A 123 -2.95 -6.76 14.42
CA ALA A 123 -3.37 -5.72 13.45
C ALA A 123 -2.59 -5.76 12.14
N ILE A 124 -3.29 -5.53 11.04
CA ILE A 124 -2.70 -5.48 9.71
C ILE A 124 -2.67 -4.04 9.28
N ASN A 125 -1.48 -3.55 8.95
CA ASN A 125 -1.27 -2.13 8.64
C ASN A 125 -1.28 -1.80 7.15
N GLU A 126 -0.97 -2.78 6.30
CA GLU A 126 -1.00 -2.58 4.86
C GLU A 126 -1.25 -3.90 4.13
N LEU A 127 -2.00 -3.80 3.04
CA LEU A 127 -2.19 -4.88 2.06
C LEU A 127 -1.71 -4.44 0.69
N LYS A 128 -1.06 -5.33 -0.05
CA LYS A 128 -0.62 -5.07 -1.42
C LYS A 128 -0.78 -6.33 -2.26
N PHE A 129 -1.32 -6.18 -3.46
CA PHE A 129 -1.37 -7.28 -4.41
C PHE A 129 -0.14 -7.27 -5.30
N HIS A 130 0.34 -8.46 -5.62
CA HIS A 130 1.43 -8.71 -6.54
C HIS A 130 1.10 -8.05 -7.91
N PRO A 131 2.08 -7.36 -8.52
CA PRO A 131 1.81 -6.62 -9.77
C PRO A 131 1.50 -7.47 -11.00
N ARG A 132 1.93 -8.73 -11.02
CA ARG A 132 1.66 -9.66 -12.12
C ARG A 132 0.70 -10.80 -11.80
N ASP A 133 0.43 -11.06 -10.54
CA ASP A 133 -0.42 -12.18 -10.15
C ASP A 133 -1.51 -11.64 -9.24
N PRO A 134 -2.76 -11.53 -9.74
CA PRO A 134 -3.86 -10.99 -8.94
C PRO A 134 -4.27 -11.82 -7.69
N ASN A 135 -3.81 -13.06 -7.60
CA ASN A 135 -4.08 -13.91 -6.45
C ASN A 135 -3.12 -13.78 -5.27
N LEU A 136 -1.98 -13.11 -5.44
CA LEU A 136 -0.95 -13.03 -4.42
C LEU A 136 -1.02 -11.75 -3.58
N LEU A 137 -1.44 -11.91 -2.33
CA LEU A 137 -1.70 -10.80 -1.45
C LEU A 137 -0.70 -10.77 -0.32
N LEU A 138 -0.06 -9.62 -0.14
CA LEU A 138 0.91 -9.41 0.91
C LEU A 138 0.25 -8.60 2.01
N SER A 139 0.41 -9.05 3.25
CA SER A 139 -0.05 -8.30 4.43
C SER A 139 1.14 -8.04 5.32
N VAL A 140 1.11 -6.90 6.01
CA VAL A 140 2.14 -6.55 6.97
C VAL A 140 1.48 -6.24 8.29
N SER A 141 2.12 -6.66 9.37
CA SER A 141 1.45 -6.75 10.65
C SER A 141 2.19 -6.14 11.84
N LYS A 142 1.38 -5.75 12.81
CA LYS A 142 1.81 -5.36 14.12
C LYS A 142 2.62 -6.44 14.83
N ASP A 143 2.46 -7.71 14.44
CA ASP A 143 3.24 -8.81 15.04
C ASP A 143 4.65 -8.96 14.47
N HIS A 144 5.13 -7.98 13.69
CA HIS A 144 6.50 -7.88 13.18
C HIS A 144 6.72 -8.69 11.90
N ALA A 145 5.69 -9.37 11.39
CA ALA A 145 5.86 -10.24 10.22
C ALA A 145 5.11 -9.74 8.99
N LEU A 146 5.57 -10.18 7.81
CA LEU A 146 4.80 -10.07 6.58
C LEU A 146 4.28 -11.47 6.26
N ARG A 147 3.13 -11.54 5.62
CA ARG A 147 2.51 -12.79 5.19
C ARG A 147 2.12 -12.68 3.72
N LEU A 148 2.47 -13.71 2.95
CA LEU A 148 2.05 -13.82 1.56
C LEU A 148 0.96 -14.88 1.42
N TRP A 149 -0.21 -14.46 0.91
CA TRP A 149 -1.36 -15.32 0.72
C TRP A 149 -1.67 -15.55 -0.75
N ASN A 150 -2.17 -16.75 -1.03
CA ASN A 150 -2.75 -17.08 -2.32
C ASN A 150 -4.25 -17.16 -2.14
N ILE A 151 -4.96 -16.14 -2.63
CA ILE A 151 -6.41 -16.05 -2.47
C ILE A 151 -7.22 -16.84 -3.51
N GLN A 152 -6.53 -17.56 -4.39
CA GLN A 152 -7.19 -18.53 -5.27
C GLN A 152 -7.40 -19.86 -4.51
N THR A 153 -6.34 -20.35 -3.88
CA THR A 153 -6.37 -21.61 -3.15
C THR A 153 -6.52 -21.47 -1.63
N ASP A 154 -6.64 -20.22 -1.18
CA ASP A 154 -6.85 -19.91 0.23
C ASP A 154 -5.72 -20.45 1.12
N THR A 155 -4.48 -20.23 0.68
CA THR A 155 -3.30 -20.72 1.35
C THR A 155 -2.39 -19.58 1.82
N LEU A 156 -1.77 -19.79 2.97
CA LEU A 156 -0.66 -18.97 3.43
C LEU A 156 0.61 -19.51 2.82
N VAL A 157 1.22 -18.74 1.91
CA VAL A 157 2.39 -19.22 1.16
C VAL A 157 3.64 -19.12 2.01
N ALA A 158 3.80 -17.98 2.70
CA ALA A 158 4.97 -17.72 3.45
C ALA A 158 4.78 -16.63 4.50
N ILE A 159 5.62 -16.69 5.53
CA ILE A 159 5.69 -15.72 6.61
C ILE A 159 7.14 -15.21 6.63
N PHE A 160 7.30 -13.89 6.61
CA PHE A 160 8.61 -13.25 6.57
C PHE A 160 8.81 -12.61 7.92
N GLY A 161 9.71 -13.18 8.71
CA GLY A 161 9.87 -12.81 10.13
C GLY A 161 11.20 -13.28 10.71
N GLY A 162 11.17 -13.83 11.92
CA GLY A 162 12.38 -14.34 12.61
C GLY A 162 13.17 -13.23 13.29
N VAL A 163 14.21 -13.56 14.05
CA VAL A 163 14.95 -12.49 14.76
C VAL A 163 15.69 -11.55 13.82
N GLU A 164 16.08 -12.05 12.64
CA GLU A 164 16.66 -11.17 11.63
C GLU A 164 15.65 -10.43 10.77
N GLY A 165 14.36 -10.71 10.96
CA GLY A 165 13.28 -9.91 10.34
C GLY A 165 13.01 -8.68 11.17
N HIS A 166 11.88 -8.04 10.93
CA HIS A 166 11.53 -6.84 11.69
C HIS A 166 11.38 -7.15 13.18
N ARG A 167 11.70 -6.18 13.97
CA ARG A 167 11.70 -6.31 15.44
C ARG A 167 10.66 -5.42 16.10
N ASP A 168 9.78 -4.83 15.32
CA ASP A 168 8.66 -4.08 15.82
C ASP A 168 7.63 -4.08 14.67
N GLU A 169 6.51 -3.36 14.83
CA GLU A 169 5.43 -3.39 13.83
C GLU A 169 5.92 -3.07 12.44
N VAL A 170 5.45 -3.84 11.48
CA VAL A 170 5.73 -3.54 10.07
C VAL A 170 4.63 -2.57 9.61
N LEU A 171 5.03 -1.47 9.00
CA LEU A 171 4.09 -0.41 8.61
C LEU A 171 3.76 -0.34 7.13
N SER A 172 4.68 -0.76 6.29
CA SER A 172 4.46 -0.70 4.85
C SER A 172 5.29 -1.78 4.15
N ALA A 173 4.90 -2.08 2.93
CA ALA A 173 5.74 -2.85 2.03
C ALA A 173 5.31 -2.61 0.58
N ASP A 174 6.18 -2.98 -0.35
CA ASP A 174 5.91 -2.80 -1.77
C ASP A 174 6.64 -3.85 -2.56
N TYR A 175 5.99 -4.36 -3.59
CA TYR A 175 6.62 -5.24 -4.57
C TYR A 175 7.32 -4.39 -5.61
N ASP A 176 8.42 -4.90 -6.17
CA ASP A 176 9.01 -4.24 -7.33
C ASP A 176 8.15 -4.50 -8.59
N LEU A 177 8.55 -3.88 -9.70
CA LEU A 177 7.85 -3.96 -11.00
C LEU A 177 7.34 -5.36 -11.35
N LEU A 178 8.25 -6.33 -11.34
CA LEU A 178 7.90 -7.70 -11.72
C LEU A 178 7.42 -8.60 -10.58
N GLY A 179 7.43 -8.08 -9.37
CA GLY A 179 7.04 -8.88 -8.22
C GLY A 179 8.05 -9.96 -7.92
N GLU A 180 9.32 -9.67 -8.18
CA GLU A 180 10.42 -10.59 -7.84
C GLU A 180 10.95 -10.34 -6.43
N LYS A 181 10.67 -9.17 -5.87
CA LYS A 181 11.11 -8.84 -4.52
C LYS A 181 10.22 -7.80 -3.85
N ILE A 182 10.33 -7.77 -2.53
CA ILE A 182 9.52 -6.95 -1.66
C ILE A 182 10.50 -6.12 -0.81
N MET A 183 10.19 -4.85 -0.62
CA MET A 183 10.85 -4.03 0.39
C MET A 183 9.78 -3.71 1.45
N SER A 184 10.14 -3.90 2.71
CA SER A 184 9.25 -3.65 3.85
C SER A 184 9.93 -2.68 4.79
N CYS A 185 9.14 -2.06 5.66
CA CYS A 185 9.65 -1.09 6.60
C CYS A 185 8.76 -0.98 7.81
N GLY A 186 9.28 -0.46 8.90
CA GLY A 186 8.45 -0.20 10.06
C GLY A 186 9.06 0.56 11.22
N MET A 187 8.48 0.29 12.39
CA MET A 187 8.80 0.95 13.64
C MET A 187 10.20 0.68 14.18
N ASP A 188 10.89 -0.34 13.70
CA ASP A 188 12.30 -0.57 14.06
C ASP A 188 13.31 0.29 13.26
N HIS A 189 12.80 1.23 12.47
CA HIS A 189 13.57 2.17 11.66
C HIS A 189 14.22 1.49 10.46
N SER A 190 13.91 0.23 10.19
CA SER A 190 14.65 -0.45 9.15
C SER A 190 13.81 -0.67 7.90
N LEU A 191 14.53 -0.81 6.79
CA LEU A 191 13.99 -1.22 5.51
C LEU A 191 14.65 -2.54 5.18
N LYS A 192 13.84 -3.54 4.83
CA LYS A 192 14.31 -4.89 4.55
C LYS A 192 13.83 -5.39 3.20
N LEU A 193 14.72 -6.08 2.50
CA LEU A 193 14.46 -6.64 1.19
C LEU A 193 14.25 -8.15 1.31
N TRP A 194 13.23 -8.66 0.62
CA TRP A 194 12.91 -10.08 0.64
C TRP A 194 12.70 -10.51 -0.79
N ARG A 195 13.56 -11.39 -1.28
CA ARG A 195 13.43 -11.88 -2.64
C ARG A 195 12.40 -12.99 -2.69
N ILE A 196 11.46 -12.90 -3.61
CA ILE A 196 10.46 -13.96 -3.78
C ILE A 196 10.60 -14.69 -5.13
N ASN A 197 11.69 -14.44 -5.83
CA ASN A 197 12.04 -15.20 -7.03
C ASN A 197 13.16 -16.20 -6.74
N SER A 198 13.42 -16.49 -5.46
CA SER A 198 14.32 -17.59 -5.10
C SER A 198 13.68 -18.91 -5.57
N LYS A 199 14.49 -19.95 -5.72
CA LYS A 199 13.96 -21.26 -6.10
C LYS A 199 12.98 -21.74 -5.03
N ARG A 200 13.31 -21.51 -3.77
CA ARG A 200 12.44 -21.86 -2.67
C ARG A 200 11.04 -21.15 -2.74
N MET A 201 11.02 -19.85 -2.96
CA MET A 201 9.76 -19.12 -3.02
C MET A 201 8.95 -19.39 -4.30
N MET A 202 9.63 -19.56 -5.44
CA MET A 202 8.92 -19.92 -6.67
C MET A 202 8.24 -21.29 -6.54
N ASN A 203 8.94 -22.22 -5.91
CA ASN A 203 8.39 -23.56 -5.66
C ASN A 203 7.20 -23.47 -4.69
N ALA A 204 7.34 -22.66 -3.65
CA ALA A 204 6.26 -22.52 -2.68
C ALA A 204 4.99 -21.92 -3.33
N ILE A 205 5.18 -20.95 -4.22
CA ILE A 205 4.05 -20.34 -4.93
C ILE A 205 3.40 -21.39 -5.84
N LYS A 206 4.23 -22.14 -6.55
CA LYS A 206 3.71 -23.23 -7.40
C LYS A 206 2.92 -24.27 -6.61
N GLU A 207 3.48 -24.71 -5.50
CA GLU A 207 2.78 -25.63 -4.61
C GLU A 207 1.47 -25.07 -4.09
N SER A 208 1.42 -23.77 -3.80
CA SER A 208 0.20 -23.17 -3.30
C SER A 208 -0.93 -23.25 -4.32
N TYR A 209 -0.58 -23.14 -5.61
CA TYR A 209 -1.57 -23.31 -6.69
C TYR A 209 -2.00 -24.77 -6.89
N ASP A 210 -1.15 -25.71 -6.51
CA ASP A 210 -1.47 -27.15 -6.65
C ASP A 210 -2.24 -27.70 -5.46
N TYR A 211 -2.42 -26.88 -4.42
CA TYR A 211 -3.05 -27.30 -3.19
C TYR A 211 -4.57 -27.22 -3.27
N ASN A 212 -5.19 -28.37 -3.05
CA ASN A 212 -6.64 -28.45 -2.88
C ASN A 212 -6.89 -29.35 -1.68
N PRO A 213 -7.37 -28.78 -0.55
CA PRO A 213 -7.53 -29.60 0.65
C PRO A 213 -8.56 -30.74 0.51
N ASN A 214 -9.47 -30.63 -0.47
CA ASN A 214 -10.42 -31.72 -0.74
C ASN A 214 -9.82 -32.93 -1.44
N LYS A 215 -8.66 -32.75 -2.06
CA LYS A 215 -8.00 -33.83 -2.80
C LYS A 215 -6.75 -34.37 -2.13
N THR A 216 -6.49 -33.98 -0.87
CA THR A 216 -5.27 -34.41 -0.16
C THR A 216 -5.51 -34.45 1.33
N ASN A 217 -4.57 -35.06 2.05
CA ASN A 217 -4.59 -35.16 3.52
C ASN A 217 -3.71 -34.13 4.22
N ARG A 218 -2.67 -33.69 3.53
CA ARG A 218 -1.73 -32.75 4.14
C ARG A 218 -2.35 -31.36 4.33
N PRO A 219 -1.92 -30.66 5.39
CA PRO A 219 -2.15 -29.23 5.43
C PRO A 219 -1.16 -28.59 4.47
N PHE A 220 -1.39 -27.35 4.10
CA PHE A 220 -0.44 -26.65 3.28
C PHE A 220 0.67 -26.09 4.19
N ILE A 221 1.92 -26.40 3.87
CA ILE A 221 3.06 -25.93 4.69
C ILE A 221 3.43 -24.54 4.17
N SER A 222 3.43 -23.56 5.06
CA SER A 222 3.91 -22.21 4.77
C SER A 222 5.42 -22.15 4.97
N GLN A 223 6.09 -21.37 4.11
CA GLN A 223 7.53 -21.17 4.27
C GLN A 223 7.73 -20.23 5.44
N LYS A 224 8.74 -20.48 6.25
CA LYS A 224 9.18 -19.45 7.20
C LYS A 224 10.48 -18.86 6.66
N ILE A 225 10.41 -17.60 6.24
CA ILE A 225 11.54 -16.88 5.68
C ILE A 225 12.09 -16.00 6.79
N HIS A 226 13.25 -16.38 7.33
CA HIS A 226 13.80 -15.71 8.51
C HIS A 226 14.94 -14.77 8.28
N PHE A 227 15.38 -14.66 7.04
CA PHE A 227 16.53 -13.83 6.71
C PHE A 227 16.23 -12.96 5.53
N PRO A 228 16.21 -11.63 5.75
CA PRO A 228 16.08 -10.78 4.58
C PRO A 228 17.34 -10.77 3.73
N ASP A 229 17.15 -10.39 2.49
CA ASP A 229 18.23 -10.32 1.51
C ASP A 229 19.05 -9.03 1.56
N PHE A 230 18.58 -8.06 2.33
CA PHE A 230 19.27 -6.81 2.60
C PHE A 230 18.51 -6.11 3.72
N SER A 231 19.22 -5.35 4.54
CA SER A 231 18.62 -4.59 5.65
C SER A 231 19.43 -3.31 5.88
N THR A 232 18.72 -2.21 6.10
CA THR A 232 19.36 -0.95 6.47
C THR A 232 18.53 -0.20 7.51
N ARG A 233 19.23 0.47 8.42
CA ARG A 233 18.65 1.43 9.33
C ARG A 233 19.28 2.80 9.12
N ASP A 234 19.94 3.01 8.00
CA ASP A 234 20.75 4.19 7.75
C ASP A 234 20.04 5.26 6.94
N ILE A 235 18.78 5.08 6.57
CA ILE A 235 18.06 6.08 5.76
C ILE A 235 17.31 7.08 6.62
N HIS A 236 16.61 6.59 7.62
CA HIS A 236 15.75 7.43 8.47
C HIS A 236 16.12 7.19 9.93
N ARG A 237 15.71 8.10 10.81
CA ARG A 237 16.00 8.01 12.25
C ARG A 237 14.72 7.91 13.09
N ASN A 238 13.64 7.43 12.49
CA ASN A 238 12.39 7.24 13.22
C ASN A 238 11.57 6.18 12.48
N TYR A 239 10.31 6.00 12.86
CA TYR A 239 9.45 4.99 12.23
C TYR A 239 9.39 5.23 10.72
N VAL A 240 9.61 4.18 9.94
CA VAL A 240 9.49 4.25 8.49
C VAL A 240 8.10 3.76 8.11
N ASP A 241 7.26 4.68 7.62
CA ASP A 241 5.83 4.42 7.51
C ASP A 241 5.31 4.27 6.08
N CYS A 242 6.19 4.40 5.09
CA CYS A 242 5.78 4.21 3.68
C CYS A 242 7.02 3.94 2.83
N VAL A 243 6.90 2.96 1.94
CA VAL A 243 7.99 2.58 1.03
C VAL A 243 7.39 2.21 -0.34
N ARG A 244 8.06 2.61 -1.41
CA ARG A 244 7.67 2.25 -2.77
CA ARG A 244 7.67 2.28 -2.78
C ARG A 244 8.91 2.11 -3.66
N TRP A 245 8.89 1.12 -4.53
CA TRP A 245 9.92 0.98 -5.53
C TRP A 245 9.69 2.03 -6.62
N LEU A 246 10.79 2.58 -7.12
CA LEU A 246 10.82 3.37 -8.36
C LEU A 246 11.89 2.75 -9.25
N GLY A 247 11.48 1.77 -10.05
CA GLY A 247 12.41 0.92 -10.76
C GLY A 247 13.23 0.10 -9.78
N ASP A 248 14.55 0.19 -9.90
CA ASP A 248 15.49 -0.44 -8.98
C ASP A 248 15.80 0.44 -7.76
N LEU A 249 15.29 1.67 -7.73
CA LEU A 249 15.46 2.56 -6.57
C LEU A 249 14.28 2.43 -5.58
N ILE A 250 14.50 2.97 -4.38
CA ILE A 250 13.47 2.98 -3.35
C ILE A 250 13.16 4.42 -2.99
N LEU A 251 11.88 4.70 -2.80
CA LEU A 251 11.39 5.90 -2.14
C LEU A 251 10.85 5.49 -0.78
N SER A 252 11.28 6.16 0.28
CA SER A 252 10.73 5.87 1.61
C SER A 252 10.67 7.10 2.46
N LYS A 253 9.74 7.09 3.43
CA LYS A 253 9.61 8.19 4.37
C LYS A 253 9.47 7.76 5.81
N SER A 254 9.86 8.69 6.68
CA SER A 254 9.61 8.65 8.09
C SER A 254 8.84 9.92 8.42
N CYS A 255 8.93 10.38 9.67
CA CYS A 255 8.22 11.57 10.12
C CYS A 255 9.17 12.76 10.24
N GLU A 256 10.15 12.85 9.34
CA GLU A 256 11.21 13.85 9.39
C GLU A 256 11.08 14.84 8.22
N ASN A 257 9.87 14.97 7.70
CA ASN A 257 9.54 15.90 6.62
C ASN A 257 10.37 15.65 5.37
N ALA A 258 10.56 14.38 5.02
CA ALA A 258 11.32 14.03 3.83
C ALA A 258 10.95 12.65 3.29
N ILE A 259 10.89 12.58 1.96
CA ILE A 259 10.90 11.30 1.26
C ILE A 259 12.30 11.16 0.71
N VAL A 260 12.97 10.05 1.02
CA VAL A 260 14.33 9.81 0.57
C VAL A 260 14.31 8.84 -0.60
N CYS A 261 15.07 9.16 -1.65
CA CYS A 261 15.30 8.25 -2.76
C CYS A 261 16.67 7.63 -2.62
N TRP A 262 16.72 6.30 -2.55
CA TRP A 262 17.98 5.60 -2.26
C TRP A 262 18.03 4.21 -2.90
N LYS A 263 19.20 3.61 -2.85
CA LYS A 263 19.37 2.24 -3.30
C LYS A 263 20.36 1.50 -2.39
N PRO A 264 20.17 0.18 -2.28
CA PRO A 264 21.18 -0.62 -1.60
C PRO A 264 22.50 -0.60 -2.35
N GLY A 265 23.59 -0.71 -1.61
CA GLY A 265 24.91 -0.75 -2.20
C GLY A 265 25.44 0.61 -2.61
N LYS A 266 26.53 0.59 -3.35
CA LYS A 266 27.14 1.76 -3.93
C LYS A 266 26.48 2.12 -5.24
N MET A 267 26.83 3.28 -5.77
CA MET A 267 26.13 3.85 -6.90
C MET A 267 25.97 2.86 -8.04
N GLU A 268 27.06 2.18 -8.37
CA GLU A 268 27.09 1.29 -9.52
C GLU A 268 26.66 -0.16 -9.23
N ASP A 269 26.27 -0.48 -8.00
CA ASP A 269 25.84 -1.85 -7.64
C ASP A 269 24.45 -2.21 -8.16
N ASP A 270 24.37 -3.35 -8.84
CA ASP A 270 23.13 -3.90 -9.35
C ASP A 270 22.34 -4.49 -8.17
N ILE A 271 21.05 -4.15 -8.12
CA ILE A 271 20.14 -4.62 -7.06
C ILE A 271 20.12 -6.14 -6.91
N ASP A 272 20.19 -6.84 -8.04
CA ASP A 272 20.17 -8.31 -8.00
C ASP A 272 21.53 -8.97 -7.72
N LYS A 273 22.57 -8.18 -7.53
CA LYS A 273 23.87 -8.69 -7.02
C LYS A 273 24.16 -8.28 -5.58
N ILE A 274 23.25 -7.53 -4.95
CA ILE A 274 23.37 -7.16 -3.54
C ILE A 274 23.29 -8.42 -2.67
N LYS A 275 24.30 -8.61 -1.81
CA LYS A 275 24.34 -9.69 -0.82
C LYS A 275 23.69 -9.26 0.52
N PRO A 276 23.17 -10.23 1.30
CA PRO A 276 22.55 -9.88 2.58
C PRO A 276 23.42 -9.13 3.57
N SER A 277 24.73 -9.31 3.51
CA SER A 277 25.66 -8.56 4.34
C SER A 277 26.01 -7.13 3.87
N GLU A 278 25.47 -6.69 2.73
CA GLU A 278 25.76 -5.36 2.21
C GLU A 278 25.50 -4.30 3.27
N SER A 279 26.50 -3.49 3.55
CA SER A 279 26.39 -2.49 4.61
C SER A 279 26.23 -1.07 4.10
N ASN A 280 26.33 -0.87 2.79
CA ASN A 280 26.22 0.47 2.19
C ASN A 280 24.86 0.76 1.56
N VAL A 281 24.54 2.04 1.52
CA VAL A 281 23.41 2.56 0.76
C VAL A 281 23.89 3.80 0.02
N THR A 282 23.17 4.16 -1.04
CA THR A 282 23.45 5.37 -1.82
C THR A 282 22.22 6.24 -1.82
N ILE A 283 22.36 7.51 -1.45
CA ILE A 283 21.25 8.47 -1.48
C ILE A 283 21.25 9.23 -2.80
N LEU A 284 20.16 9.10 -3.57
CA LEU A 284 20.05 9.73 -4.88
C LEU A 284 19.28 11.02 -4.85
N GLY A 285 18.66 11.33 -3.72
CA GLY A 285 17.90 12.56 -3.59
C GLY A 285 17.00 12.53 -2.37
N ARG A 286 16.43 13.68 -2.08
CA ARG A 286 15.50 13.81 -0.99
C ARG A 286 14.53 14.93 -1.27
N PHE A 287 13.24 14.61 -1.16
CA PHE A 287 12.14 15.56 -1.35
C PHE A 287 11.63 16.00 0.02
N ASP A 288 11.94 17.26 0.35
CA ASP A 288 11.52 17.82 1.61
C ASP A 288 10.19 18.52 1.45
N TYR A 289 9.51 18.68 2.58
CA TYR A 289 8.22 19.31 2.64
C TYR A 289 8.04 19.76 4.09
N SER A 290 6.87 20.29 4.43
CA SER A 290 6.64 20.84 5.76
C SER A 290 5.46 20.21 6.45
N GLN A 291 5.50 20.28 7.78
CA GLN A 291 4.37 19.92 8.66
C GLN A 291 3.81 18.53 8.41
N CYS A 292 4.70 17.55 8.32
CA CYS A 292 4.28 16.16 8.19
C CYS A 292 5.22 15.34 9.07
N ASP A 293 5.23 15.69 10.35
CA ASP A 293 6.13 15.06 11.32
C ASP A 293 5.38 14.21 12.37
N ILE A 294 4.10 13.94 12.10
CA ILE A 294 3.37 12.95 12.87
C ILE A 294 3.53 11.58 12.19
N TRP A 295 3.44 10.53 12.99
CA TRP A 295 3.54 9.16 12.47
C TRP A 295 2.31 8.78 11.63
N TYR A 296 2.55 7.94 10.61
CA TYR A 296 1.51 7.19 9.90
C TYR A 296 0.81 8.04 8.82
N MET A 297 1.63 8.47 7.86
CA MET A 297 1.20 9.27 6.71
C MET A 297 1.81 8.63 5.46
N ARG A 298 1.00 8.31 4.47
CA ARG A 298 1.49 7.61 3.28
C ARG A 298 1.62 8.53 2.09
N PHE A 299 2.60 8.26 1.23
CA PHE A 299 2.64 8.88 -0.10
C PHE A 299 2.12 7.85 -1.13
N SER A 300 1.75 8.32 -2.31
CA SER A 300 1.26 7.44 -3.36
C SER A 300 1.80 7.88 -4.73
N MET A 301 1.82 6.94 -5.65
CA MET A 301 2.20 7.20 -7.03
C MET A 301 1.06 6.83 -7.96
N ASP A 302 1.08 7.41 -9.15
CA ASP A 302 0.12 7.04 -10.20
C ASP A 302 0.56 5.71 -10.86
N PHE A 303 -0.29 5.19 -11.72
CA PHE A 303 -0.05 3.89 -12.34
C PHE A 303 1.28 3.82 -13.12
N TRP A 304 1.55 4.85 -13.91
CA TRP A 304 2.78 4.91 -14.70
C TRP A 304 4.04 5.29 -13.92
N GLN A 305 3.88 5.71 -12.67
CA GLN A 305 4.97 6.21 -11.84
C GLN A 305 5.60 7.49 -12.40
N LYS A 306 4.75 8.34 -12.94
CA LYS A 306 5.11 9.66 -13.40
C LYS A 306 4.96 10.71 -12.29
N MET A 307 4.11 10.42 -11.30
CA MET A 307 3.66 11.40 -10.31
C MET A 307 3.74 10.77 -8.91
N LEU A 308 4.00 11.61 -7.91
CA LEU A 308 4.06 11.23 -6.48
C LEU A 308 3.26 12.26 -5.71
N ALA A 309 2.45 11.85 -4.74
CA ALA A 309 1.70 12.78 -3.90
C ALA A 309 1.80 12.41 -2.44
N LEU A 310 1.86 13.44 -1.60
CA LEU A 310 1.84 13.27 -0.15
C LEU A 310 1.04 14.40 0.44
N GLY A 311 0.17 14.09 1.39
CA GLY A 311 -0.52 15.10 2.17
C GLY A 311 0.14 15.29 3.52
N ASN A 312 -0.03 16.47 4.11
CA ASN A 312 0.59 16.74 5.42
C ASN A 312 -0.45 16.86 6.52
N GLN A 313 0.00 17.17 7.73
CA GLN A 313 -0.88 17.13 8.90
C GLN A 313 -1.82 18.33 9.03
N VAL A 314 -1.70 19.32 8.16
CA VAL A 314 -2.61 20.46 8.15
C VAL A 314 -3.31 20.63 6.79
N GLY A 315 -3.43 19.55 6.04
CA GLY A 315 -4.27 19.52 4.86
C GLY A 315 -3.69 20.03 3.56
N LYS A 316 -2.37 20.14 3.47
CA LYS A 316 -1.71 20.58 2.24
C LYS A 316 -1.22 19.36 1.49
N LEU A 317 -1.38 19.39 0.18
CA LEU A 317 -0.86 18.34 -0.69
C LEU A 317 0.41 18.78 -1.39
N TYR A 318 1.41 17.91 -1.39
CA TYR A 318 2.60 18.05 -2.23
C TYR A 318 2.56 17.03 -3.35
N VAL A 319 2.87 17.47 -4.58
CA VAL A 319 2.83 16.62 -5.76
C VAL A 319 4.14 16.78 -6.49
N TRP A 320 4.83 15.67 -6.76
CA TRP A 320 6.09 15.72 -7.51
C TRP A 320 5.93 15.06 -8.88
N ASP A 321 6.39 15.77 -9.90
CA ASP A 321 6.52 15.25 -11.24
C ASP A 321 7.87 14.53 -11.32
N LEU A 322 7.82 13.23 -11.55
CA LEU A 322 9.02 12.38 -11.62
C LEU A 322 9.53 12.09 -13.03
N GLU A 323 8.92 12.74 -14.03
CA GLU A 323 9.28 12.61 -15.43
C GLU A 323 10.47 13.54 -15.73
N VAL A 324 11.62 13.18 -15.15
CA VAL A 324 12.85 13.95 -15.21
C VAL A 324 14.01 12.96 -15.22
N GLU A 325 15.19 13.42 -15.61
CA GLU A 325 16.34 12.53 -15.88
C GLU A 325 16.90 11.80 -14.67
N ASP A 326 16.87 12.45 -13.51
CA ASP A 326 17.38 11.86 -12.27
C ASP A 326 16.39 12.19 -11.16
N PRO A 327 16.31 11.34 -10.13
CA PRO A 327 15.33 11.56 -9.05
C PRO A 327 15.36 12.93 -8.37
N HIS A 328 16.57 13.46 -8.17
CA HIS A 328 16.72 14.73 -7.44
C HIS A 328 16.21 15.93 -8.24
N LYS A 329 15.93 15.75 -9.53
CA LYS A 329 15.38 16.81 -10.34
C LYS A 329 13.85 16.89 -10.32
N ALA A 330 13.18 16.09 -9.49
CA ALA A 330 11.70 16.07 -9.45
C ALA A 330 11.14 17.47 -9.20
N LYS A 331 10.03 17.77 -9.86
CA LYS A 331 9.41 19.10 -9.83
C LYS A 331 8.19 19.08 -8.93
N CYS A 332 8.20 19.91 -7.89
CA CYS A 332 7.17 19.94 -6.89
C CYS A 332 6.14 21.06 -7.14
N THR A 333 4.87 20.74 -6.96
CA THR A 333 3.82 21.75 -6.83
C THR A 333 2.99 21.39 -5.61
N THR A 334 2.29 22.38 -5.08
CA THR A 334 1.52 22.22 -3.85
C THR A 334 0.08 22.63 -4.10
N LEU A 335 -0.83 21.97 -3.37
CA LEU A 335 -2.27 22.14 -3.54
C LEU A 335 -2.86 22.41 -2.17
N THR A 336 -3.50 23.57 -2.02
CA THR A 336 -4.15 23.91 -0.77
C THR A 336 -5.54 24.42 -1.02
N HIS A 337 -6.40 24.23 -0.02
CA HIS A 337 -7.75 24.77 -0.04
C HIS A 337 -8.03 25.32 1.36
N HIS A 338 -8.65 26.49 1.46
CA HIS A 338 -8.85 27.13 2.76
C HIS A 338 -9.69 26.33 3.79
N LYS A 339 -10.57 25.47 3.29
CA LYS A 339 -11.37 24.58 4.13
C LYS A 339 -10.73 23.21 4.43
N CYS A 340 -9.60 22.90 3.80
CA CYS A 340 -8.95 21.61 4.00
C CYS A 340 -7.83 21.81 5.01
N GLY A 341 -8.12 21.52 6.27
CA GLY A 341 -7.16 21.71 7.37
C GLY A 341 -6.77 20.51 8.20
N ALA A 342 -7.32 19.33 7.92
CA ALA A 342 -7.07 18.14 8.74
C ALA A 342 -5.99 17.30 8.09
N ALA A 343 -5.39 16.41 8.88
CA ALA A 343 -4.26 15.61 8.40
C ALA A 343 -4.71 14.66 7.29
N ILE A 344 -3.92 14.58 6.22
CA ILE A 344 -4.18 13.74 5.07
C ILE A 344 -3.34 12.48 5.19
N ARG A 345 -4.00 11.36 5.48
CA ARG A 345 -3.34 10.07 5.75
C ARG A 345 -2.90 9.35 4.48
N GLN A 346 -3.68 9.50 3.42
CA GLN A 346 -3.40 8.85 2.12
C GLN A 346 -4.04 9.64 0.98
N THR A 347 -3.42 9.50 -0.18
CA THR A 347 -3.90 10.01 -1.45
C THR A 347 -3.98 8.86 -2.46
N SER A 348 -4.77 9.03 -3.51
CA SER A 348 -4.80 8.09 -4.65
C SER A 348 -5.04 8.85 -5.93
N PHE A 349 -4.19 8.60 -6.92
CA PHE A 349 -4.37 9.06 -8.29
C PHE A 349 -5.24 8.07 -9.04
N SER A 350 -6.13 8.57 -9.88
CA SER A 350 -6.75 7.72 -10.92
C SER A 350 -5.63 7.16 -11.80
N ARG A 351 -5.96 6.09 -12.50
CA ARG A 351 -4.98 5.38 -13.30
C ARG A 351 -4.24 6.32 -14.27
N ASP A 352 -5.00 7.20 -14.94
CA ASP A 352 -4.47 8.23 -15.87
C ASP A 352 -3.95 9.54 -15.24
N SER A 353 -3.97 9.64 -13.90
CA SER A 353 -3.59 10.84 -13.15
C SER A 353 -4.50 12.06 -13.36
N SER A 354 -5.68 11.86 -13.95
CA SER A 354 -6.62 12.98 -14.16
C SER A 354 -7.31 13.41 -12.88
N ILE A 355 -7.39 12.51 -11.90
CA ILE A 355 -8.00 12.81 -10.60
C ILE A 355 -7.05 12.37 -9.48
N LEU A 356 -6.96 13.21 -8.46
CA LEU A 356 -6.27 12.91 -7.23
C LEU A 356 -7.27 13.07 -6.08
N ILE A 357 -7.42 12.02 -5.28
CA ILE A 357 -8.27 12.04 -4.10
C ILE A 357 -7.40 12.04 -2.86
N ALA A 358 -7.73 12.89 -1.89
CA ALA A 358 -7.09 12.92 -0.57
C ALA A 358 -8.15 12.62 0.50
N VAL A 359 -7.76 11.82 1.49
CA VAL A 359 -8.63 11.53 2.66
C VAL A 359 -7.98 11.92 3.99
N CYS A 360 -8.83 12.31 4.94
CA CYS A 360 -8.41 13.02 6.14
C CYS A 360 -8.86 12.43 7.46
N ASP A 361 -8.18 12.89 8.51
CA ASP A 361 -8.45 12.51 9.89
C ASP A 361 -9.82 12.92 10.41
N ASP A 362 -10.44 13.92 9.78
CA ASP A 362 -11.82 14.34 10.11
C ASP A 362 -12.89 13.68 9.24
N ALA A 363 -12.55 12.57 8.57
CA ALA A 363 -13.45 11.82 7.69
C ALA A 363 -13.78 12.53 6.38
N SER A 364 -13.03 13.56 6.03
CA SER A 364 -13.27 14.34 4.82
C SER A 364 -12.50 13.75 3.64
N ILE A 365 -13.07 13.96 2.46
CA ILE A 365 -12.57 13.43 1.18
C ILE A 365 -12.51 14.62 0.24
N TRP A 366 -11.38 14.78 -0.43
CA TRP A 366 -11.13 15.94 -1.32
C TRP A 366 -10.76 15.46 -2.70
N ARG A 367 -11.49 15.96 -3.71
CA ARG A 367 -11.22 15.67 -5.11
C ARG A 367 -10.54 16.84 -5.84
N TRP A 368 -9.39 16.53 -6.43
CA TRP A 368 -8.62 17.45 -7.24
C TRP A 368 -8.56 16.92 -8.67
N ASP A 369 -8.94 17.75 -9.66
CA ASP A 369 -8.94 17.37 -11.08
C ASP A 369 -7.82 18.09 -11.79
N ARG A 370 -7.14 17.37 -12.70
CA ARG A 370 -6.00 17.94 -13.41
C ARG A 370 -6.50 18.95 -14.40
N LEU A 371 -5.82 20.09 -14.48
CA LEU A 371 -6.19 21.20 -15.35
C LEU A 371 -5.89 20.86 -16.80
N1 6PU B . -1.90 2.99 11.01
N3 6PU B . -6.36 10.17 15.50
C4 6PU B . -3.02 2.47 11.79
C5 6PU B . -2.65 2.78 13.24
C6 6PU B . -3.20 4.10 13.74
C7 6PU B . -2.78 5.31 13.18
C8 6PU B . -3.30 6.51 13.61
C10 6PU B . -4.68 5.35 15.18
C13 6PU B . -6.03 9.24 16.60
C15 6PU B . -5.36 8.61 13.90
C17 6PU B . -1.95 2.65 9.57
C20 6PU B . -1.09 4.39 8.20
C21 6PU B . -0.13 5.11 7.50
C22 6PU B . 1.17 4.65 7.40
C24 6PU B . 0.56 2.77 8.70
F 6PU B . 0.92 1.63 9.32
C23 6PU B . 1.52 3.46 8.00
C25 6PU B . -0.75 3.19 8.83
C19 6PU B . -2.55 4.68 8.38
C18 6PU B . -3.11 3.31 8.79
C3 6PU B . -0.76 2.41 11.75
C2 6PU B . -1.09 2.74 13.20
N 6PU B . -0.53 1.79 14.18
C1 6PU B . 0.89 1.50 13.98
C 6PU B . -0.80 2.19 15.57
C11 6PU B . -4.15 4.15 14.76
C9 6PU B . -4.27 6.57 14.61
N2 6PU B . -4.85 7.80 15.00
C14 6PU B . -5.46 10.05 14.33
S 6PU B . -7.41 11.39 15.77
O1 6PU B . -6.67 12.42 16.42
C16 6PU B . -7.94 12.00 14.22
O 6PU B . -8.53 10.82 16.44
C12 6PU B . -5.84 7.83 16.07
#